data_5YAH
#
_entry.id   5YAH
#
_cell.length_a   98.706
_cell.length_b   43.347
_cell.length_c   77.821
_cell.angle_alpha   90.00
_cell.angle_beta   124.70
_cell.angle_gamma   90.00
#
_symmetry.space_group_name_H-M   'C 1 2 1'
#
loop_
_entity.id
_entity.type
_entity.pdbx_description
1 polymer 'Pollen receptor-like kinase 6'
2 polymer 'Protein LURE 1.2'
3 water water
#
loop_
_entity_poly.entity_id
_entity_poly.type
_entity_poly.pdbx_seq_one_letter_code
_entity_poly.pdbx_strand_id
1 'polypeptide(L)'
;YVSESEPLVRFKNSVKITKGDLNSWREGTDPCSGKWFGIYCQKGLTVSGIHVTRLGLSGTITVDDLKDLPNLKTIRLDNN
LLSGPLPHFFKLRGLKSLMLSNNSFSGEIRDDFFKDMSKLKRLFLDHNKFEGSIPSSITQLPQLEELHMQSNNLTGEIPP
EFGSMKNLKVLDLSTNSLDGIVPQSIADKKNLAVNLTENEYLCGPVVDVGCENIELNDPQEGQPPSKPSSSVPETSHHHH
HH
;
B
2 'polypeptide(L)' TLINGSSDEERTYSFSPTTSPFDPRSLNQELKIGRIGYCFDCARACMRRGKYIRTCSFERKLCRCSISDIK C
#
# COMPACT_ATOMS: atom_id res chain seq x y z
N TYR A 1 26.66 2.23 15.32
CA TYR A 1 27.48 3.18 16.08
C TYR A 1 26.73 3.75 17.27
N VAL A 2 27.47 4.08 18.32
CA VAL A 2 26.87 4.57 19.57
C VAL A 2 26.07 5.84 19.36
N SER A 3 26.61 6.78 18.58
CA SER A 3 25.91 8.03 18.25
C SER A 3 24.48 7.79 17.72
N GLU A 4 24.25 6.62 17.13
CA GLU A 4 22.97 6.30 16.53
C GLU A 4 21.96 5.89 17.60
N SER A 5 22.44 5.69 18.83
CA SER A 5 21.52 5.37 19.92
C SER A 5 20.66 6.57 20.33
N GLU A 6 21.18 7.78 20.11
CA GLU A 6 20.46 9.01 20.45
C GLU A 6 19.13 9.18 19.70
N PRO A 7 19.15 9.14 18.35
CA PRO A 7 17.87 9.32 17.66
C PRO A 7 16.88 8.20 17.97
N LEU A 8 17.36 6.96 18.09
CA LEU A 8 16.46 5.82 18.33
C LEU A 8 15.78 5.95 19.68
N VAL A 9 16.56 6.34 20.68
CA VAL A 9 16.04 6.50 22.02
C VAL A 9 14.97 7.60 22.04
N ARG A 10 15.21 8.68 21.31
CA ARG A 10 14.23 9.76 21.22
C ARG A 10 12.96 9.23 20.59
N PHE A 11 13.12 8.47 19.50
CA PHE A 11 12.00 7.83 18.83
C PHE A 11 11.23 6.90 19.78
N LYS A 12 11.95 6.12 20.57
CA LYS A 12 11.32 5.22 21.53
C LYS A 12 10.37 5.94 22.50
N ASN A 13 10.71 7.17 22.89
CA ASN A 13 9.87 7.97 23.77
C ASN A 13 8.68 8.62 23.05
N SER A 14 8.73 8.61 21.72
CA SER A 14 7.69 9.26 20.91
C SER A 14 6.60 8.28 20.47
N VAL A 15 6.52 7.13 21.13
CA VAL A 15 5.51 6.13 20.80
C VAL A 15 4.94 5.48 22.07
N LYS A 16 3.71 4.99 21.97
CA LYS A 16 3.01 4.36 23.08
C LYS A 16 3.00 2.85 22.89
N ILE A 17 3.78 2.15 23.71
CA ILE A 17 3.90 0.71 23.59
C ILE A 17 2.88 0.04 24.51
N THR A 18 2.10 -0.91 24.00
CA THR A 18 1.11 -1.55 24.88
C THR A 18 1.26 -3.07 24.98
N LYS A 19 2.19 -3.63 24.21
CA LYS A 19 2.57 -5.03 24.35
C LYS A 19 4.11 -5.14 24.33
N GLY A 20 4.67 -5.83 25.32
CA GLY A 20 6.13 -5.94 25.43
C GLY A 20 6.74 -4.59 25.73
N ASP A 21 7.96 -4.35 25.22
CA ASP A 21 8.68 -3.08 25.46
C ASP A 21 9.99 -2.89 24.66
N LEU A 22 10.62 -1.74 24.87
CA LEU A 22 11.90 -1.38 24.24
C LEU A 22 13.00 -1.02 25.26
N ASN A 23 12.95 -1.64 26.43
CA ASN A 23 13.98 -1.45 27.46
C ASN A 23 15.41 -1.83 27.03
N SER A 24 15.51 -2.63 25.97
CA SER A 24 16.81 -3.01 25.44
C SER A 24 17.41 -1.89 24.57
N TRP A 25 16.68 -0.80 24.40
CA TRP A 25 17.18 0.39 23.71
C TRP A 25 17.77 1.34 24.74
N ARG A 26 18.96 1.01 25.23
CA ARG A 26 19.63 1.79 26.28
C ARG A 26 20.49 2.92 25.75
N GLU A 27 20.21 4.12 26.20
CA GLU A 27 20.91 5.31 25.74
C GLU A 27 22.40 5.16 26.09
N GLY A 28 23.29 5.44 25.13
CA GLY A 28 24.72 5.29 25.34
C GLY A 28 25.39 3.97 24.97
N THR A 29 24.61 3.04 24.43
CA THR A 29 25.09 1.76 23.96
C THR A 29 24.96 1.71 22.44
N ASP A 30 25.80 0.94 21.79
CA ASP A 30 25.75 0.90 20.36
C ASP A 30 24.54 0.03 20.02
N PRO A 31 23.56 0.58 19.29
CA PRO A 31 22.39 -0.21 18.87
C PRO A 31 22.75 -1.39 17.94
N CYS A 32 23.98 -1.42 17.45
CA CYS A 32 24.43 -2.55 16.65
C CYS A 32 25.09 -3.67 17.48
N SER A 33 24.89 -3.66 18.79
CA SER A 33 25.49 -4.66 19.65
C SER A 33 24.89 -6.05 19.40
N GLY A 34 23.65 -6.09 18.91
CA GLY A 34 22.91 -7.32 18.83
C GLY A 34 21.89 -7.42 19.96
N LYS A 35 22.03 -6.55 20.96
CA LYS A 35 21.14 -6.57 22.11
C LYS A 35 19.86 -5.75 21.95
N TRP A 36 19.79 -4.92 20.89
CA TRP A 36 18.61 -4.07 20.69
C TRP A 36 17.51 -4.82 19.94
N PHE A 37 16.36 -4.97 20.59
CA PHE A 37 15.19 -5.58 19.95
C PHE A 37 14.89 -4.84 18.65
N GLY A 38 14.73 -5.59 17.57
CA GLY A 38 14.21 -5.06 16.32
C GLY A 38 15.16 -4.23 15.47
N ILE A 39 16.45 -4.18 15.83
CA ILE A 39 17.39 -3.41 15.01
C ILE A 39 18.17 -4.31 14.01
N TYR A 40 18.24 -3.88 12.75
CA TYR A 40 19.11 -4.54 11.80
C TYR A 40 20.26 -3.61 11.51
N CYS A 41 21.48 -4.13 11.47
CA CYS A 41 22.62 -3.29 11.14
C CYS A 41 23.31 -3.77 9.89
N GLN A 42 23.88 -2.84 9.15
CA GLN A 42 24.64 -3.17 7.95
C GLN A 42 26.08 -3.43 8.35
N LYS A 43 26.52 -4.66 8.06
CA LYS A 43 27.86 -5.12 8.36
C LYS A 43 28.13 -5.05 9.85
N GLY A 44 27.06 -5.08 10.63
CA GLY A 44 27.17 -5.09 12.08
C GLY A 44 27.76 -3.81 12.63
N LEU A 45 27.72 -2.74 11.84
CA LEU A 45 28.32 -1.47 12.28
C LEU A 45 27.34 -0.31 12.46
N THR A 46 26.47 -0.11 11.46
CA THR A 46 25.54 1.04 11.42
C THR A 46 24.09 0.59 11.24
N VAL A 47 23.17 1.23 11.97
CA VAL A 47 21.76 0.86 11.94
C VAL A 47 21.17 1.08 10.54
N SER A 48 20.65 0.02 9.94
CA SER A 48 20.06 0.13 8.61
C SER A 48 18.58 -0.29 8.52
N GLY A 49 18.07 -0.95 9.54
CA GLY A 49 16.68 -1.34 9.53
C GLY A 49 16.08 -1.20 10.89
N ILE A 50 14.82 -0.79 10.96
CA ILE A 50 14.12 -0.82 12.24
C ILE A 50 12.86 -1.67 12.12
N HIS A 51 12.72 -2.65 13.00
CA HIS A 51 11.56 -3.54 13.00
C HIS A 51 10.84 -3.60 14.33
N VAL A 52 9.85 -2.74 14.51
CA VAL A 52 9.07 -2.68 15.74
C VAL A 52 7.68 -3.23 15.51
N THR A 53 7.60 -4.54 15.46
CA THR A 53 6.42 -5.25 15.03
C THR A 53 5.68 -5.80 16.25
N ARG A 54 4.37 -5.88 16.15
CA ARG A 54 3.49 -6.47 17.17
C ARG A 54 3.76 -6.01 18.61
N LEU A 55 3.95 -4.70 18.78
CA LEU A 55 4.20 -4.15 20.10
C LEU A 55 2.99 -3.41 20.62
N GLY A 56 1.91 -3.43 19.84
CA GLY A 56 0.71 -2.69 20.18
C GLY A 56 0.94 -1.19 20.21
N LEU A 57 1.82 -0.68 19.35
CA LEU A 57 2.03 0.77 19.28
C LEU A 57 0.71 1.40 18.87
N SER A 58 0.24 2.37 19.64
CA SER A 58 -1.07 2.94 19.38
C SER A 58 -0.98 4.45 19.39
N GLY A 59 -2.04 5.07 18.90
CA GLY A 59 -2.05 6.49 18.74
C GLY A 59 -1.18 6.94 17.59
N THR A 60 -0.87 8.22 17.62
CA THR A 60 -0.07 8.91 16.63
C THR A 60 1.41 8.55 16.77
N ILE A 61 2.14 8.49 15.66
CA ILE A 61 3.60 8.43 15.78
C ILE A 61 4.33 9.53 15.05
N THR A 62 5.48 9.89 15.59
CA THR A 62 6.36 10.82 14.92
C THR A 62 7.69 10.12 14.69
N VAL A 63 8.27 10.37 13.52
CA VAL A 63 9.40 9.63 13.01
C VAL A 63 10.56 10.58 12.72
N ASP A 64 10.31 11.86 12.91
CA ASP A 64 11.29 12.91 12.60
C ASP A 64 12.67 12.60 13.17
N ASP A 65 12.73 12.14 14.42
CA ASP A 65 13.99 11.74 15.05
C ASP A 65 14.79 10.80 14.16
N LEU A 66 14.12 9.99 13.37
CA LEU A 66 14.81 8.95 12.63
C LEU A 66 15.60 9.49 11.44
N LYS A 67 15.40 10.77 11.12
CA LYS A 67 16.14 11.34 10.00
C LYS A 67 17.63 11.45 10.32
N ASP A 68 17.99 11.31 11.60
CA ASP A 68 19.38 11.40 12.00
C ASP A 68 20.13 10.06 11.95
N LEU A 69 19.52 9.06 11.33
CA LEU A 69 20.16 7.76 11.10
C LEU A 69 20.54 7.69 9.63
N PRO A 70 21.79 8.03 9.29
CA PRO A 70 22.19 8.23 7.89
C PRO A 70 22.00 6.98 7.07
N ASN A 71 22.12 5.81 7.69
CA ASN A 71 22.08 4.58 6.93
C ASN A 71 20.77 3.82 7.04
N LEU A 72 19.77 4.46 7.64
CA LEU A 72 18.45 3.85 7.79
C LEU A 72 17.87 3.56 6.42
N LYS A 73 17.62 2.28 6.12
CA LYS A 73 17.09 1.96 4.82
C LYS A 73 15.78 1.17 4.88
N THR A 74 15.45 0.61 6.03
CA THR A 74 14.17 -0.10 6.07
C THR A 74 13.46 0.08 7.39
N ILE A 75 12.17 0.32 7.33
CA ILE A 75 11.35 0.41 8.53
C ILE A 75 10.14 -0.49 8.40
N ARG A 76 9.88 -1.26 9.44
CA ARG A 76 8.75 -2.15 9.43
C ARG A 76 7.98 -1.94 10.71
N LEU A 77 6.75 -1.44 10.59
CA LEU A 77 5.93 -1.17 11.77
C LEU A 77 4.65 -1.99 11.67
N ASP A 78 4.75 -3.10 10.94
CA ASP A 78 3.64 -4.04 10.76
C ASP A 78 2.93 -4.40 12.06
N ASN A 79 1.62 -4.63 11.97
CA ASN A 79 0.84 -5.31 13.02
C ASN A 79 0.79 -4.60 14.36
N ASN A 80 0.59 -3.28 14.33
CA ASN A 80 0.43 -2.50 15.55
C ASN A 80 -0.96 -1.87 15.58
N LEU A 81 -1.13 -0.80 16.34
CA LEU A 81 -2.42 -0.13 16.40
C LEU A 81 -2.25 1.34 16.05
N LEU A 82 -1.34 1.63 15.13
CA LEU A 82 -1.08 3.02 14.74
C LEU A 82 -2.28 3.61 13.98
N SER A 83 -2.60 4.88 14.28
CA SER A 83 -3.66 5.59 13.58
C SER A 83 -3.24 7.05 13.34
N GLY A 84 -4.10 7.82 12.69
CA GLY A 84 -3.72 9.14 12.24
C GLY A 84 -3.28 9.04 10.79
N PRO A 85 -2.92 10.17 10.18
CA PRO A 85 -2.35 10.01 8.84
C PRO A 85 -0.87 9.68 8.92
N LEU A 86 -0.25 9.44 7.77
CA LEU A 86 1.18 9.14 7.68
C LEU A 86 2.04 10.21 8.34
N PRO A 87 3.01 9.80 9.17
CA PRO A 87 4.02 10.73 9.67
C PRO A 87 5.04 11.13 8.59
N HIS A 88 6.02 11.93 8.98
CA HIS A 88 6.97 12.50 8.03
C HIS A 88 8.01 11.49 7.51
N PHE A 89 7.56 10.38 6.94
CA PHE A 89 8.47 9.42 6.34
C PHE A 89 9.33 10.02 5.23
N PHE A 90 8.79 11.02 4.54
CA PHE A 90 9.50 11.65 3.43
C PHE A 90 10.80 12.36 3.83
N LYS A 91 11.02 12.51 5.13
CA LYS A 91 12.24 13.11 5.64
C LYS A 91 13.35 12.06 5.75
N LEU A 92 12.97 10.81 5.62
CA LEU A 92 13.91 9.70 5.61
C LEU A 92 14.29 9.38 4.16
N ARG A 93 15.20 10.18 3.62
CA ARG A 93 15.47 10.24 2.19
C ARG A 93 16.07 8.97 1.59
N GLY A 94 16.81 8.22 2.39
CA GLY A 94 17.51 7.06 1.90
C GLY A 94 16.70 5.79 2.04
N LEU A 95 15.48 5.92 2.53
CA LEU A 95 14.64 4.76 2.81
C LEU A 95 14.37 3.92 1.56
N LYS A 96 14.61 2.62 1.68
CA LYS A 96 14.40 1.72 0.54
C LYS A 96 13.13 0.90 0.72
N SER A 97 12.75 0.64 1.96
CA SER A 97 11.61 -0.21 2.22
C SER A 97 10.77 0.33 3.37
N LEU A 98 9.48 0.55 3.12
CA LEU A 98 8.59 1.09 4.14
C LEU A 98 7.41 0.16 4.35
N MET A 99 7.31 -0.45 5.53
CA MET A 99 6.23 -1.40 5.77
C MET A 99 5.28 -1.08 6.94
N LEU A 100 4.03 -0.84 6.58
CA LEU A 100 3.05 -0.33 7.53
C LEU A 100 1.82 -1.23 7.60
N SER A 101 1.92 -2.41 6.99
CA SER A 101 0.83 -3.37 6.95
C SER A 101 0.17 -3.59 8.30
N ASN A 102 -1.17 -3.61 8.30
CA ASN A 102 -1.98 -3.94 9.47
C ASN A 102 -1.90 -2.92 10.61
N ASN A 103 -2.29 -1.70 10.30
CA ASN A 103 -2.49 -0.66 11.28
C ASN A 103 -3.78 0.07 10.93
N SER A 104 -4.04 1.20 11.57
CA SER A 104 -5.21 2.00 11.26
C SER A 104 -4.85 3.41 10.85
N PHE A 105 -3.81 3.55 10.03
CA PHE A 105 -3.51 4.84 9.43
C PHE A 105 -4.72 5.22 8.55
N SER A 106 -5.01 6.52 8.48
CA SER A 106 -6.27 6.95 7.83
C SER A 106 -6.12 8.18 6.97
N GLY A 107 -7.25 8.62 6.41
CA GLY A 107 -7.27 9.81 5.58
C GLY A 107 -6.85 9.53 4.15
N GLU A 108 -6.91 10.55 3.31
CA GLU A 108 -6.39 10.48 1.95
C GLU A 108 -4.98 11.03 1.95
N ILE A 109 -4.03 10.21 1.49
CA ILE A 109 -2.61 10.57 1.48
C ILE A 109 -2.40 11.70 0.51
N ARG A 110 -1.79 12.79 0.96
CA ARG A 110 -1.62 13.93 0.04
C ARG A 110 -0.76 13.54 -1.18
N ASP A 111 -1.19 14.03 -2.34
CA ASP A 111 -0.70 13.57 -3.62
C ASP A 111 0.81 13.58 -3.75
N ASP A 112 1.42 14.59 -3.16
CA ASP A 112 2.85 14.77 -3.30
C ASP A 112 3.63 14.14 -2.13
N PHE A 113 2.97 13.29 -1.34
CA PHE A 113 3.60 12.76 -0.11
C PHE A 113 4.97 12.16 -0.36
N PHE A 114 5.09 11.37 -1.42
CA PHE A 114 6.28 10.56 -1.64
C PHE A 114 7.39 11.19 -2.47
N LYS A 115 7.19 12.43 -2.91
CA LYS A 115 8.08 13.07 -3.87
C LYS A 115 9.54 13.00 -3.41
N ASP A 116 9.78 13.22 -2.13
CA ASP A 116 11.14 13.25 -1.62
C ASP A 116 11.73 11.86 -1.32
N MET A 117 10.99 10.80 -1.62
CA MET A 117 11.42 9.45 -1.27
C MET A 117 11.89 8.62 -2.48
N SER A 118 12.81 9.19 -3.26
CA SER A 118 13.27 8.63 -4.52
C SER A 118 13.98 7.26 -4.46
N LYS A 119 14.35 6.81 -3.26
CA LYS A 119 15.03 5.52 -3.15
C LYS A 119 14.10 4.34 -2.84
N LEU A 120 12.81 4.61 -2.63
CA LEU A 120 11.90 3.53 -2.24
C LEU A 120 11.85 2.42 -3.25
N LYS A 121 12.01 1.19 -2.78
CA LYS A 121 11.85 0.03 -3.65
C LYS A 121 10.59 -0.74 -3.30
N ARG A 122 10.28 -0.85 -2.02
CA ARG A 122 9.12 -1.60 -1.58
C ARG A 122 8.25 -0.72 -0.70
N LEU A 123 6.94 -0.72 -0.95
CA LEU A 123 6.00 0.10 -0.19
C LEU A 123 4.74 -0.70 0.16
N PHE A 124 4.51 -0.91 1.45
CA PHE A 124 3.40 -1.74 1.91
C PHE A 124 2.50 -0.86 2.78
N LEU A 125 1.35 -0.50 2.24
CA LEU A 125 0.43 0.35 2.98
C LEU A 125 -0.86 -0.44 3.18
N ASP A 126 -0.78 -1.73 2.94
CA ASP A 126 -1.97 -2.56 2.94
C ASP A 126 -2.58 -2.70 4.34
N HIS A 127 -3.87 -3.05 4.37
CA HIS A 127 -4.60 -3.38 5.59
C HIS A 127 -4.60 -2.24 6.58
N ASN A 128 -4.88 -1.06 6.06
CA ASN A 128 -5.09 0.14 6.85
C ASN A 128 -6.48 0.72 6.53
N LYS A 129 -6.66 2.01 6.78
CA LYS A 129 -7.93 2.67 6.52
C LYS A 129 -7.72 3.95 5.73
N PHE A 130 -6.87 3.85 4.71
CA PHE A 130 -6.64 4.92 3.78
C PHE A 130 -7.85 5.07 2.87
N GLU A 131 -8.21 6.32 2.57
CA GLU A 131 -9.36 6.58 1.73
C GLU A 131 -9.00 7.52 0.59
N GLY A 132 -9.98 7.88 -0.23
CA GLY A 132 -9.75 8.76 -1.36
C GLY A 132 -8.87 8.16 -2.43
N SER A 133 -8.11 9.00 -3.12
CA SER A 133 -7.31 8.54 -4.25
C SER A 133 -5.89 8.09 -3.88
N ILE A 134 -5.34 7.26 -4.75
CA ILE A 134 -3.95 6.90 -4.74
C ILE A 134 -3.13 8.16 -5.04
N PRO A 135 -2.20 8.52 -4.16
CA PRO A 135 -1.40 9.73 -4.42
C PRO A 135 -0.54 9.58 -5.67
N SER A 136 -0.51 10.61 -6.51
CA SER A 136 0.26 10.59 -7.76
C SER A 136 1.78 10.45 -7.57
N SER A 137 2.28 10.83 -6.39
CA SER A 137 3.72 10.79 -6.18
C SER A 137 4.23 9.34 -6.12
N ILE A 138 3.36 8.40 -5.78
CA ILE A 138 3.75 6.99 -5.75
C ILE A 138 4.21 6.54 -7.14
N THR A 139 3.53 7.02 -8.18
CA THR A 139 3.89 6.63 -9.54
C THR A 139 5.20 7.24 -10.02
N GLN A 140 5.67 8.26 -9.32
CA GLN A 140 6.91 8.93 -9.71
C GLN A 140 8.15 8.37 -9.01
N LEU A 141 7.98 7.33 -8.19
CA LEU A 141 9.11 6.72 -7.49
C LEU A 141 9.95 5.89 -8.45
N PRO A 142 11.15 6.39 -8.82
CA PRO A 142 11.89 5.77 -9.92
C PRO A 142 12.43 4.37 -9.61
N GLN A 143 12.42 3.99 -8.34
CA GLN A 143 13.02 2.72 -7.95
C GLN A 143 12.01 1.69 -7.49
N LEU A 144 10.73 2.06 -7.51
CA LEU A 144 9.70 1.21 -6.92
C LEU A 144 9.54 -0.12 -7.65
N GLU A 145 9.69 -1.20 -6.91
CA GLU A 145 9.53 -2.55 -7.45
C GLU A 145 8.21 -3.17 -7.02
N GLU A 146 7.79 -2.88 -5.79
CA GLU A 146 6.59 -3.48 -5.24
C GLU A 146 5.73 -2.44 -4.54
N LEU A 147 4.43 -2.43 -4.87
CA LEU A 147 3.47 -1.65 -4.12
C LEU A 147 2.25 -2.51 -3.72
N HIS A 148 1.94 -2.53 -2.42
CA HIS A 148 0.83 -3.26 -1.85
C HIS A 148 -0.05 -2.24 -1.11
N MET A 149 -1.28 -2.06 -1.58
CA MET A 149 -2.18 -1.12 -0.95
C MET A 149 -3.51 -1.82 -0.78
N GLN A 150 -3.50 -3.13 -0.88
CA GLN A 150 -4.73 -3.91 -0.73
C GLN A 150 -5.36 -3.74 0.66
N SER A 151 -6.69 -3.86 0.71
CA SER A 151 -7.48 -3.77 1.92
C SER A 151 -7.47 -2.41 2.60
N ASN A 152 -7.74 -1.35 1.84
CA ASN A 152 -8.00 -0.03 2.41
C ASN A 152 -9.41 0.42 1.98
N ASN A 153 -9.70 1.72 2.04
CA ASN A 153 -10.97 2.23 1.55
C ASN A 153 -10.72 3.19 0.40
N LEU A 154 -9.93 2.75 -0.57
CA LEU A 154 -9.49 3.64 -1.63
C LEU A 154 -10.56 3.74 -2.73
N THR A 155 -10.69 4.92 -3.34
CA THR A 155 -11.62 5.13 -4.46
C THR A 155 -10.94 5.87 -5.60
N GLY A 156 -11.70 6.13 -6.67
CA GLY A 156 -11.20 6.87 -7.82
C GLY A 156 -10.46 6.00 -8.81
N GLU A 157 -9.96 6.59 -9.88
CA GLU A 157 -9.28 5.82 -10.92
C GLU A 157 -7.87 5.43 -10.50
N ILE A 158 -7.34 4.40 -11.15
CA ILE A 158 -5.96 4.02 -10.97
C ILE A 158 -5.16 4.81 -11.98
N PRO A 159 -4.16 5.59 -11.52
CA PRO A 159 -3.39 6.42 -12.45
C PRO A 159 -2.61 5.60 -13.49
N PRO A 160 -2.66 6.02 -14.76
CA PRO A 160 -2.01 5.32 -15.88
C PRO A 160 -0.49 5.34 -15.78
N GLU A 161 0.05 6.26 -15.00
CA GLU A 161 1.50 6.33 -14.82
C GLU A 161 2.07 4.99 -14.37
N PHE A 162 1.25 4.17 -13.71
CA PHE A 162 1.71 2.84 -13.26
C PHE A 162 2.30 2.01 -14.39
N GLY A 163 1.72 2.12 -15.58
CA GLY A 163 2.22 1.40 -16.74
C GLY A 163 3.61 1.81 -17.20
N SER A 164 4.02 3.02 -16.83
CA SER A 164 5.33 3.51 -17.22
C SER A 164 6.26 3.63 -16.02
N MET A 165 6.26 2.60 -15.16
CA MET A 165 7.15 2.54 -14.01
C MET A 165 8.20 1.48 -14.27
N LYS A 166 9.40 1.92 -14.65
CA LYS A 166 10.48 1.06 -15.14
C LYS A 166 10.74 -0.21 -14.32
N ASN A 167 10.74 -0.07 -13.00
CA ASN A 167 11.12 -1.17 -12.12
C ASN A 167 9.97 -1.89 -11.40
N LEU A 168 8.72 -1.56 -11.73
CA LEU A 168 7.59 -2.08 -10.99
C LEU A 168 7.24 -3.51 -11.39
N LYS A 169 7.19 -4.41 -10.42
CA LYS A 169 6.98 -5.82 -10.71
C LYS A 169 5.76 -6.40 -10.01
N VAL A 170 5.33 -5.74 -8.93
CA VAL A 170 4.20 -6.22 -8.12
C VAL A 170 3.35 -5.01 -7.74
N LEU A 171 2.09 -5.04 -8.14
CA LEU A 171 1.10 -4.00 -7.86
C LEU A 171 -0.19 -4.64 -7.32
N ASP A 172 -0.39 -4.58 -6.01
CA ASP A 172 -1.60 -5.11 -5.38
C ASP A 172 -2.49 -3.97 -4.86
N LEU A 173 -3.61 -3.74 -5.55
CA LEU A 173 -4.57 -2.74 -5.13
C LEU A 173 -5.91 -3.39 -4.83
N SER A 174 -5.91 -4.72 -4.71
CA SER A 174 -7.16 -5.45 -4.46
C SER A 174 -7.91 -5.05 -3.18
N THR A 175 -9.19 -5.41 -3.15
CA THR A 175 -10.12 -5.07 -2.08
C THR A 175 -10.00 -3.62 -1.61
N ASN A 176 -10.29 -2.74 -2.56
CA ASN A 176 -10.59 -1.35 -2.28
C ASN A 176 -11.92 -1.08 -2.96
N SER A 177 -12.15 0.19 -3.32
CA SER A 177 -13.28 0.55 -4.16
C SER A 177 -12.77 1.51 -5.24
N LEU A 178 -11.67 1.11 -5.88
CA LEU A 178 -11.14 1.86 -7.01
C LEU A 178 -12.14 1.75 -8.15
N ASP A 179 -12.13 2.77 -9.02
CA ASP A 179 -13.26 3.14 -9.91
C ASP A 179 -12.89 3.26 -11.36
N GLY A 180 -13.90 3.50 -12.17
CA GLY A 180 -13.70 3.92 -13.55
C GLY A 180 -13.07 2.82 -14.35
N ILE A 181 -12.29 3.22 -15.36
CA ILE A 181 -11.68 2.27 -16.26
C ILE A 181 -10.19 2.07 -15.94
N VAL A 182 -9.71 0.86 -16.13
CA VAL A 182 -8.30 0.53 -15.94
C VAL A 182 -7.49 1.07 -17.11
N PRO A 183 -6.44 1.86 -16.84
CA PRO A 183 -5.60 2.38 -17.92
C PRO A 183 -4.94 1.25 -18.69
N GLN A 184 -4.93 1.37 -20.02
CA GLN A 184 -4.38 0.34 -20.89
C GLN A 184 -2.89 0.14 -20.62
N SER A 185 -2.18 1.24 -20.35
CA SER A 185 -0.76 1.19 -20.04
C SER A 185 -0.45 0.10 -19.01
N ILE A 186 -1.31 -0.02 -18.00
CA ILE A 186 -1.14 -1.02 -16.95
C ILE A 186 -1.21 -2.46 -17.46
N ALA A 187 -2.20 -2.75 -18.30
CA ALA A 187 -2.33 -4.07 -18.90
C ALA A 187 -1.17 -4.35 -19.86
N ASP A 188 -0.74 -3.31 -20.56
CA ASP A 188 0.36 -3.41 -21.54
C ASP A 188 1.69 -3.80 -20.90
N LYS A 189 1.95 -3.28 -19.71
CA LYS A 189 3.26 -3.41 -19.08
C LYS A 189 3.77 -4.86 -19.01
N LYS A 190 5.05 -5.01 -19.37
CA LYS A 190 5.72 -6.31 -19.43
C LYS A 190 5.96 -6.87 -18.04
N ASN A 191 5.94 -8.21 -17.94
CA ASN A 191 6.09 -8.96 -16.69
C ASN A 191 5.70 -8.25 -15.38
N LEU A 192 4.49 -7.69 -15.35
CA LEU A 192 3.95 -7.08 -14.14
C LEU A 192 2.90 -8.01 -13.54
N ALA A 193 3.08 -8.35 -12.27
CA ALA A 193 2.07 -9.09 -11.53
C ALA A 193 1.14 -8.07 -10.88
N VAL A 194 -0.10 -8.01 -11.36
CA VAL A 194 -1.09 -7.06 -10.86
C VAL A 194 -2.24 -7.81 -10.22
N ASN A 195 -2.85 -7.19 -9.22
CA ASN A 195 -4.05 -7.73 -8.61
C ASN A 195 -5.04 -6.61 -8.34
N LEU A 196 -6.06 -6.50 -9.18
CA LEU A 196 -7.08 -5.47 -9.03
C LEU A 196 -8.43 -6.03 -8.58
N THR A 197 -8.45 -7.26 -8.09
CA THR A 197 -9.73 -7.90 -7.72
C THR A 197 -10.40 -7.25 -6.52
N GLU A 198 -11.70 -7.54 -6.35
CA GLU A 198 -12.50 -6.92 -5.30
C GLU A 198 -12.45 -5.40 -5.36
N ASN A 199 -12.49 -4.88 -6.58
CA ASN A 199 -12.86 -3.49 -6.81
C ASN A 199 -14.05 -3.47 -7.75
N GLU A 200 -15.22 -3.48 -7.15
CA GLU A 200 -16.45 -3.86 -7.86
C GLU A 200 -16.70 -3.08 -9.15
N TYR A 201 -16.43 -1.79 -9.12
CA TYR A 201 -16.78 -0.92 -10.26
C TYR A 201 -15.67 -0.69 -11.27
N LEU A 202 -14.51 -1.29 -11.06
CA LEU A 202 -13.44 -1.18 -12.06
C LEU A 202 -13.89 -1.85 -13.34
N CYS A 203 -13.54 -1.26 -14.48
CA CYS A 203 -13.78 -1.93 -15.75
C CYS A 203 -12.56 -1.85 -16.66
N GLY A 204 -12.58 -2.61 -17.75
CA GLY A 204 -11.51 -2.56 -18.73
C GLY A 204 -10.54 -3.72 -18.74
N PRO A 205 -9.33 -3.46 -19.23
CA PRO A 205 -8.21 -4.33 -19.64
C PRO A 205 -7.72 -5.43 -18.68
N VAL A 206 -7.58 -5.14 -17.38
CA VAL A 206 -6.95 -6.11 -16.48
C VAL A 206 -7.99 -6.94 -15.75
N VAL A 207 -9.05 -6.27 -15.34
CA VAL A 207 -10.14 -6.96 -14.66
C VAL A 207 -11.00 -7.71 -15.68
N ASP A 208 -10.77 -7.45 -16.96
CA ASP A 208 -11.49 -8.09 -18.08
C ASP A 208 -12.98 -7.76 -18.03
N VAL A 209 -13.32 -6.48 -18.11
CA VAL A 209 -14.69 -6.05 -17.93
C VAL A 209 -15.07 -4.96 -18.93
N GLY A 210 -16.11 -5.23 -19.73
CA GLY A 210 -16.63 -4.21 -20.62
C GLY A 210 -17.25 -3.13 -19.78
N CYS A 211 -17.00 -1.87 -20.11
CA CYS A 211 -17.49 -0.79 -19.29
C CYS A 211 -18.98 -0.55 -19.48
N GLU A 212 -19.49 -0.95 -20.63
CA GLU A 212 -20.88 -0.63 -20.94
C GLU A 212 -21.88 -1.42 -20.09
N ASN A 213 -22.68 -0.70 -19.31
CA ASN A 213 -23.84 -1.30 -18.66
C ASN A 213 -24.87 -1.70 -19.72
N ILE A 214 -25.17 -2.99 -19.81
CA ILE A 214 -26.08 -3.46 -20.85
C ILE A 214 -27.55 -3.48 -20.41
N GLU A 215 -27.84 -2.87 -19.26
CA GLU A 215 -29.22 -2.77 -18.79
C GLU A 215 -29.95 -1.57 -19.40
N ILE B 33 -40.48 -7.62 -9.63
CA ILE B 33 -39.05 -7.40 -9.78
C ILE B 33 -38.28 -8.17 -8.71
N GLY B 34 -36.96 -8.34 -8.90
CA GLY B 34 -36.13 -9.03 -7.93
C GLY B 34 -34.63 -8.93 -8.18
N ARG B 35 -33.83 -9.08 -7.12
CA ARG B 35 -32.36 -8.89 -7.18
C ARG B 35 -31.57 -10.05 -7.82
N ILE B 36 -31.72 -11.25 -7.26
CA ILE B 36 -31.03 -12.40 -7.82
C ILE B 36 -31.58 -12.69 -9.21
N GLY B 37 -32.89 -12.53 -9.35
CA GLY B 37 -33.53 -12.64 -10.64
C GLY B 37 -32.88 -11.73 -11.64
N TYR B 38 -32.47 -10.56 -11.19
CA TYR B 38 -31.84 -9.57 -12.06
C TYR B 38 -30.48 -10.07 -12.56
N CYS B 39 -29.72 -10.70 -11.68
CA CYS B 39 -28.39 -11.18 -12.05
C CYS B 39 -28.44 -12.37 -13.01
N PHE B 40 -29.47 -13.21 -12.86
CA PHE B 40 -29.70 -14.30 -13.81
C PHE B 40 -30.00 -13.71 -15.21
N ASP B 41 -30.84 -12.68 -15.24
CA ASP B 41 -31.11 -12.05 -16.52
C ASP B 41 -29.85 -11.36 -17.05
N CYS B 42 -29.00 -10.88 -16.15
CA CYS B 42 -27.74 -10.29 -16.55
C CYS B 42 -26.86 -11.36 -17.16
N ALA B 43 -26.74 -12.48 -16.44
CA ALA B 43 -26.01 -13.63 -16.93
C ALA B 43 -26.45 -14.00 -18.36
N ARG B 44 -27.76 -14.14 -18.57
CA ARG B 44 -28.30 -14.46 -19.88
C ARG B 44 -27.98 -13.39 -20.92
N ALA B 45 -28.24 -12.13 -20.57
CA ALA B 45 -27.89 -11.01 -21.43
C ALA B 45 -26.43 -11.09 -21.87
N CYS B 46 -25.54 -11.44 -20.93
CA CYS B 46 -24.13 -11.60 -21.24
C CYS B 46 -23.87 -12.79 -22.16
N MET B 47 -24.57 -13.90 -21.91
CA MET B 47 -24.38 -15.12 -22.70
C MET B 47 -24.78 -14.93 -24.16
N ARG B 48 -25.79 -14.10 -24.41
CA ARG B 48 -26.21 -13.80 -25.78
C ARG B 48 -25.36 -12.72 -26.42
N ARG B 49 -24.12 -12.62 -25.96
CA ARG B 49 -23.11 -11.74 -26.54
C ARG B 49 -21.78 -12.46 -26.51
N GLY B 50 -21.81 -13.73 -26.15
CA GLY B 50 -20.62 -14.57 -26.14
C GLY B 50 -19.65 -14.22 -25.03
N LYS B 51 -20.14 -13.48 -24.04
CA LYS B 51 -19.30 -12.96 -22.97
C LYS B 51 -19.72 -13.57 -21.63
N TYR B 52 -18.78 -13.64 -20.69
CA TYR B 52 -19.06 -14.08 -19.34
C TYR B 52 -19.61 -12.94 -18.52
N ILE B 53 -20.44 -13.23 -17.53
CA ILE B 53 -20.92 -12.18 -16.66
C ILE B 53 -19.78 -11.76 -15.74
N ARG B 54 -19.68 -10.48 -15.43
CA ARG B 54 -18.62 -9.91 -14.60
C ARG B 54 -19.13 -9.11 -13.40
N THR B 55 -20.03 -8.16 -13.66
CA THR B 55 -20.50 -7.26 -12.62
C THR B 55 -22.02 -7.15 -12.62
N CYS B 56 -22.63 -7.27 -11.45
CA CYS B 56 -24.08 -7.18 -11.35
C CYS B 56 -24.56 -6.51 -10.08
N SER B 57 -25.36 -5.44 -10.23
CA SER B 57 -26.11 -4.91 -9.09
C SER B 57 -27.50 -4.42 -9.48
N PHE B 58 -28.51 -4.91 -8.78
CA PHE B 58 -29.90 -4.59 -9.05
C PHE B 58 -30.24 -3.13 -8.72
N GLU B 59 -29.71 -2.63 -7.61
CA GLU B 59 -30.01 -1.27 -7.16
C GLU B 59 -29.45 -0.22 -8.11
N ARG B 60 -28.30 -0.52 -8.72
CA ARG B 60 -27.66 0.44 -9.61
C ARG B 60 -28.05 0.21 -11.08
N LYS B 61 -28.90 -0.79 -11.31
CA LYS B 61 -29.26 -1.24 -12.67
C LYS B 61 -28.06 -1.42 -13.57
N LEU B 62 -26.99 -1.96 -12.99
CA LEU B 62 -25.75 -2.19 -13.70
C LEU B 62 -25.48 -3.69 -13.86
N CYS B 63 -25.40 -4.11 -15.11
CA CYS B 63 -24.97 -5.47 -15.42
C CYS B 63 -23.81 -5.34 -16.39
N ARG B 64 -22.65 -5.88 -16.01
CA ARG B 64 -21.48 -5.80 -16.88
C ARG B 64 -20.97 -7.17 -17.26
N CYS B 65 -20.52 -7.27 -18.51
CA CYS B 65 -19.99 -8.52 -19.02
C CYS B 65 -18.49 -8.40 -19.19
N SER B 66 -17.84 -9.52 -19.47
CA SER B 66 -16.41 -9.53 -19.76
C SER B 66 -16.15 -8.89 -21.10
N ILE B 67 -14.90 -8.62 -21.39
CA ILE B 67 -14.53 -8.12 -22.69
C ILE B 67 -14.19 -9.33 -23.55
N SER B 68 -13.56 -10.32 -22.95
CA SER B 68 -13.18 -11.53 -23.61
C SER B 68 -14.35 -12.41 -23.89
N ASP B 69 -14.13 -13.31 -24.81
CA ASP B 69 -15.14 -14.25 -25.21
C ASP B 69 -14.98 -15.56 -24.49
N ILE B 70 -16.07 -16.29 -24.41
CA ILE B 70 -16.10 -17.55 -23.72
C ILE B 70 -15.09 -18.52 -24.27
N LYS B 71 -14.44 -19.25 -23.37
CA LYS B 71 -13.45 -20.22 -23.74
C LYS B 71 -14.04 -21.62 -23.84
#